data_3PNR
#
_entry.id   3PNR
#
_cell.length_a   71.150
_cell.length_b   71.150
_cell.length_c   120.090
_cell.angle_alpha   90.00
_cell.angle_beta   90.00
_cell.angle_gamma   90.00
#
_symmetry.space_group_name_H-M   'P 43'
#
loop_
_entity.id
_entity.type
_entity.pdbx_description
1 polymer 'Falcipain 2'
2 polymer PbICP-C
3 non-polymer GLYCEROL
4 non-polymer 'CADMIUM ION'
5 water water
#
loop_
_entity_poly.entity_id
_entity_poly.type
_entity_poly.pdbx_seq_one_letter_code
_entity_poly.pdbx_strand_id
1 'polypeptide(L)'
;MNYEEVIKKYRGEENFDHAAYDWRLHSGVTPVKDQKNCGSAWAFSSIGSVESQYAIRKNKLITLSEQELVDCSFKNYGCN
GGLINNAFEDMIELGGICPDGDYPYVSDAPNLCNIDRCTEKYGIKNYLSVPDNKLKEALRFLGPISISVAVSDDFAFYKE
GIFDGECGDQLNHAVMLVGFGMKEIVNPLTKKGEKHYYYIIKNSWGQQWGERGFINIETDESGLMRKCGLGTDAFIPLIE
;
A
2 'polypeptide(L)'
;MGHHHHHHHHHHSSGHIEGRHMGDEKCGKSLKLGNISNQTNQETITQSLSVGEILCIDLEGNAGTGYLWVLLGIHKDEPI
INPENFPTKLTKKSFFSEEISVTQPKKYKIDEHDSSKNVNREIESPEQKESDSKPKKPQMQLLGGPDRMRSVIKGHKPGK
YYIVYSYYRPFSPTSGANTKIIYVTVQ
;
B
#
loop_
_chem_comp.id
_chem_comp.type
_chem_comp.name
_chem_comp.formula
CD non-polymer 'CADMIUM ION' 'Cd 2'
GOL non-polymer GLYCEROL 'C3 H8 O3'
#
# COMPACT_ATOMS: atom_id res chain seq x y z
N MET A 1 -1.67 27.05 5.49
CA MET A 1 -1.49 27.72 6.78
C MET A 1 -0.23 27.24 7.49
N ASN A 2 0.24 28.04 8.44
CA ASN A 2 1.42 27.67 9.21
C ASN A 2 1.14 26.52 10.15
N TYR A 3 2.06 25.56 10.17
CA TYR A 3 2.03 24.51 11.15
C TYR A 3 2.27 25.14 12.53
N GLU A 4 3.32 25.94 12.64
CA GLU A 4 3.67 26.62 13.88
C GLU A 4 2.51 27.46 14.42
N GLU A 5 1.82 28.16 13.54
CA GLU A 5 0.66 28.94 13.96
C GLU A 5 -0.38 28.05 14.63
N VAL A 6 -0.81 27.00 13.94
CA VAL A 6 -1.82 26.08 14.43
C VAL A 6 -1.37 25.27 15.65
N ILE A 7 -0.11 24.85 15.66
CA ILE A 7 0.37 24.02 16.76
C ILE A 7 0.26 24.73 18.10
N LYS A 8 0.50 26.04 18.11
CA LYS A 8 0.38 26.83 19.34
C LYS A 8 -0.99 26.66 20.00
N LYS A 9 -2.05 26.71 19.18
CA LYS A 9 -3.42 26.56 19.67
C LYS A 9 -3.75 25.18 20.22
N TYR A 10 -2.92 24.18 19.91
CA TYR A 10 -3.18 22.82 20.33
C TYR A 10 -2.18 22.24 21.34
N ARG A 11 -0.95 22.73 21.31
CA ARG A 11 0.07 22.22 22.21
C ARG A 11 0.06 22.94 23.57
N GLY A 12 0.06 24.26 23.52
CA GLY A 12 0.20 25.05 24.73
C GLY A 12 1.64 25.15 25.16
N GLU A 13 1.90 25.02 26.46
CA GLU A 13 3.25 25.14 27.00
C GLU A 13 3.79 23.81 27.53
N GLU A 14 2.92 22.81 27.59
CA GLU A 14 3.27 21.52 28.17
C GLU A 14 4.14 20.66 27.25
N ASN A 15 5.10 19.95 27.85
CA ASN A 15 5.89 18.97 27.12
C ASN A 15 5.09 17.67 26.95
N PHE A 16 5.72 16.64 26.37
CA PHE A 16 5.03 15.36 26.19
C PHE A 16 5.96 14.14 26.05
N ASP A 17 5.50 13.00 26.54
CA ASP A 17 6.27 11.77 26.44
C ASP A 17 6.48 11.34 24.99
N HIS A 18 7.75 11.21 24.61
CA HIS A 18 8.12 10.95 23.23
C HIS A 18 8.22 9.44 22.96
N ALA A 19 7.98 8.65 24.00
CA ALA A 19 8.08 7.20 23.88
C ALA A 19 6.83 6.58 23.25
N ALA A 20 5.67 6.92 23.81
CA ALA A 20 4.43 6.27 23.42
C ALA A 20 3.23 7.20 23.35
N TYR A 21 2.45 7.03 22.30
CA TYR A 21 1.10 7.60 22.18
C TYR A 21 0.37 6.94 20.99
N ASP A 22 -0.84 6.44 21.25
CA ASP A 22 -1.54 5.59 20.28
C ASP A 22 -3.00 5.99 20.15
N TRP A 23 -3.34 6.59 19.02
CA TRP A 23 -4.69 7.07 18.81
C TRP A 23 -5.73 5.98 18.82
N ARG A 24 -5.30 4.75 18.56
CA ARG A 24 -6.23 3.62 18.62
C ARG A 24 -6.84 3.48 20.02
N LEU A 25 -6.21 4.12 20.98
CA LEU A 25 -6.62 4.02 22.36
C LEU A 25 -7.26 5.30 22.85
N HIS A 26 -7.26 6.31 21.99
CA HIS A 26 -7.82 7.59 22.35
C HIS A 26 -8.86 8.04 21.35
N SER A 27 -9.73 7.09 20.99
CA SER A 27 -10.89 7.38 20.18
C SER A 27 -10.51 8.16 18.90
N GLY A 28 -9.37 7.81 18.32
CA GLY A 28 -8.89 8.54 17.16
C GLY A 28 -8.66 7.75 15.88
N VAL A 29 -8.94 6.44 15.92
CA VAL A 29 -8.70 5.62 14.73
C VAL A 29 -9.88 4.75 14.37
N THR A 30 -10.40 4.92 13.17
CA THR A 30 -11.49 4.11 12.66
C THR A 30 -10.98 2.81 12.02
N PRO A 31 -11.90 1.86 11.79
CA PRO A 31 -11.56 0.52 11.27
C PRO A 31 -10.78 0.52 9.96
N VAL A 32 -9.79 -0.37 9.89
CA VAL A 32 -9.01 -0.62 8.70
C VAL A 32 -9.89 -0.97 7.51
N LYS A 33 -9.50 -0.49 6.33
CA LYS A 33 -10.19 -0.82 5.09
C LYS A 33 -9.26 -1.50 4.07
N ASP A 34 -9.81 -1.77 2.90
CA ASP A 34 -9.05 -2.48 1.88
C ASP A 34 -9.24 -1.80 0.54
N GLN A 35 -8.15 -1.25 0.01
CA GLN A 35 -8.14 -0.64 -1.32
C GLN A 35 -8.24 -1.71 -2.40
N LYS A 36 -7.97 -2.95 -2.02
CA LYS A 36 -7.96 -4.08 -2.95
C LYS A 36 -6.97 -3.85 -4.09
N ASN A 37 -7.29 -4.36 -5.27
CA ASN A 37 -6.38 -4.28 -6.39
C ASN A 37 -6.60 -3.01 -7.19
N CYS A 38 -6.06 -1.92 -6.68
CA CYS A 38 -6.41 -0.61 -7.18
C CYS A 38 -5.42 0.37 -6.56
N GLY A 39 -4.81 1.24 -7.37
CA GLY A 39 -3.84 2.19 -6.86
C GLY A 39 -4.48 3.41 -6.22
N SER A 40 -5.23 3.18 -5.15
CA SER A 40 -6.10 4.20 -4.59
C SER A 40 -5.85 4.47 -3.09
N ALA A 41 -4.73 3.97 -2.57
CA ALA A 41 -4.34 4.26 -1.19
C ALA A 41 -4.33 5.76 -0.87
N TRP A 42 -4.14 6.60 -1.89
CA TRP A 42 -4.13 8.05 -1.68
C TRP A 42 -5.51 8.48 -1.17
N ALA A 43 -6.55 7.78 -1.57
CA ALA A 43 -7.90 8.09 -1.12
C ALA A 43 -8.15 7.54 0.29
N PHE A 44 -7.66 6.35 0.57
CA PHE A 44 -7.87 5.73 1.87
C PHE A 44 -7.13 6.51 2.95
N SER A 45 -5.88 6.84 2.70
CA SER A 45 -5.07 7.68 3.59
C SER A 45 -5.80 8.98 3.96
N SER A 46 -6.19 9.75 2.94
CA SER A 46 -6.87 11.03 3.13
C SER A 46 -8.20 10.91 3.85
N ILE A 47 -9.12 10.12 3.31
CA ILE A 47 -10.41 9.90 3.95
C ILE A 47 -10.18 9.45 5.39
N GLY A 48 -9.30 8.47 5.57
CA GLY A 48 -8.93 8.01 6.90
C GLY A 48 -8.62 9.16 7.84
N SER A 49 -7.74 10.06 7.43
CA SER A 49 -7.36 11.22 8.25
C SER A 49 -8.58 12.04 8.68
N VAL A 50 -9.54 12.20 7.78
CA VAL A 50 -10.75 12.96 8.08
C VAL A 50 -11.65 12.24 9.08
N GLU A 51 -11.83 10.95 8.87
CA GLU A 51 -12.58 10.12 9.81
C GLU A 51 -11.99 10.30 11.22
N SER A 52 -10.67 10.26 11.34
CA SER A 52 -10.02 10.50 12.64
C SER A 52 -10.42 11.82 13.30
N GLN A 53 -10.20 12.92 12.57
CA GLN A 53 -10.60 14.25 13.05
C GLN A 53 -12.03 14.27 13.58
N TYR A 54 -12.95 13.59 12.91
CA TYR A 54 -14.35 13.56 13.34
C TYR A 54 -14.54 12.83 14.65
N ALA A 55 -13.82 11.72 14.79
CA ALA A 55 -13.86 10.92 16.01
C ALA A 55 -13.29 11.70 17.19
N ILE A 56 -12.23 12.46 16.91
CA ILE A 56 -11.51 13.18 17.96
C ILE A 56 -12.21 14.49 18.33
N ARG A 57 -12.26 15.43 17.38
CA ARG A 57 -12.76 16.78 17.64
C ARG A 57 -14.26 16.84 17.90
N LYS A 58 -15.00 15.80 17.54
CA LYS A 58 -16.46 15.88 17.60
C LYS A 58 -17.13 14.61 18.09
N ASN A 59 -16.34 13.67 18.58
CA ASN A 59 -16.86 12.43 19.10
C ASN A 59 -17.88 11.77 18.17
N LYS A 60 -17.71 11.98 16.87
CA LYS A 60 -18.56 11.37 15.87
C LYS A 60 -17.81 10.22 15.17
N LEU A 61 -18.40 9.03 15.21
CA LEU A 61 -17.83 7.88 14.52
C LEU A 61 -18.48 7.74 13.15
N ILE A 62 -17.79 8.21 12.12
CA ILE A 62 -18.32 8.17 10.76
C ILE A 62 -17.27 7.60 9.83
N THR A 63 -17.68 6.74 8.92
CA THR A 63 -16.79 6.22 7.90
C THR A 63 -17.22 6.77 6.55
N LEU A 64 -16.26 7.21 5.75
CA LEU A 64 -16.58 7.97 4.54
C LEU A 64 -16.17 7.25 3.25
N SER A 65 -16.55 7.87 2.13
CA SER A 65 -16.55 7.19 0.84
C SER A 65 -15.30 7.43 -0.01
N GLU A 66 -14.40 6.45 -0.04
CA GLU A 66 -13.24 6.52 -0.92
C GLU A 66 -13.67 6.43 -2.37
N GLN A 67 -14.71 5.65 -2.64
CA GLN A 67 -15.15 5.48 -4.02
C GLN A 67 -15.44 6.85 -4.64
N GLU A 68 -16.03 7.75 -3.85
CA GLU A 68 -16.32 9.09 -4.33
C GLU A 68 -15.06 9.85 -4.72
N LEU A 69 -14.04 9.84 -3.88
CA LEU A 69 -12.77 10.47 -4.25
C LEU A 69 -12.18 9.83 -5.51
N VAL A 70 -12.25 8.50 -5.60
CA VAL A 70 -11.80 7.79 -6.79
C VAL A 70 -12.57 8.30 -8.03
N ASP A 71 -13.89 8.34 -7.93
CA ASP A 71 -14.74 8.80 -9.03
C ASP A 71 -14.65 10.31 -9.32
N CYS A 72 -14.67 11.12 -8.27
CA CYS A 72 -14.95 12.56 -8.40
C CYS A 72 -13.72 13.48 -8.30
N SER A 73 -12.58 12.92 -7.95
CA SER A 73 -11.37 13.73 -7.79
C SER A 73 -10.62 13.85 -9.11
N PHE A 74 -10.82 14.97 -9.80
CA PHE A 74 -10.27 15.16 -11.14
C PHE A 74 -8.80 15.60 -11.22
N LYS A 75 -8.19 15.93 -10.09
CA LYS A 75 -6.75 16.16 -10.09
C LYS A 75 -6.01 14.83 -10.02
N ASN A 76 -6.65 13.83 -9.42
CA ASN A 76 -6.05 12.51 -9.27
C ASN A 76 -6.47 11.54 -10.37
N TYR A 77 -5.94 10.33 -10.33
CA TYR A 77 -6.18 9.39 -11.41
C TYR A 77 -6.80 8.06 -10.95
N GLY A 78 -7.72 8.16 -10.00
CA GLY A 78 -8.51 7.01 -9.60
C GLY A 78 -7.66 5.82 -9.20
N CYS A 79 -7.88 4.70 -9.88
CA CYS A 79 -7.21 3.46 -9.56
C CYS A 79 -5.76 3.43 -10.00
N ASN A 80 -5.31 4.52 -10.61
CA ASN A 80 -3.96 4.57 -11.15
C ASN A 80 -3.04 5.54 -10.44
N GLY A 81 -3.41 5.95 -9.25
CA GLY A 81 -2.55 6.76 -8.43
C GLY A 81 -3.09 8.16 -8.22
N GLY A 82 -2.51 8.86 -7.25
CA GLY A 82 -2.87 10.24 -7.00
C GLY A 82 -1.96 10.83 -5.95
N LEU A 83 -2.30 12.04 -5.51
CA LEU A 83 -1.55 12.72 -4.47
C LEU A 83 -2.46 13.08 -3.31
N ILE A 84 -1.89 13.07 -2.11
CA ILE A 84 -2.64 13.31 -0.88
C ILE A 84 -3.26 14.70 -0.85
N ASN A 85 -2.49 15.72 -1.19
CA ASN A 85 -2.95 17.09 -1.14
C ASN A 85 -3.99 17.39 -2.21
N ASN A 86 -3.83 16.76 -3.37
CA ASN A 86 -4.85 16.82 -4.41
C ASN A 86 -6.15 16.31 -3.85
N ALA A 87 -6.05 15.32 -2.97
CA ALA A 87 -7.22 14.65 -2.41
C ALA A 87 -8.00 15.57 -1.48
N PHE A 88 -7.28 16.34 -0.67
CA PHE A 88 -7.89 17.28 0.26
C PHE A 88 -8.48 18.47 -0.48
N GLU A 89 -7.71 19.02 -1.40
CA GLU A 89 -8.20 20.10 -2.24
C GLU A 89 -9.49 19.69 -2.91
N ASP A 90 -9.56 18.44 -3.39
CA ASP A 90 -10.79 17.99 -4.03
C ASP A 90 -11.95 17.80 -3.04
N MET A 91 -11.63 17.45 -1.80
CA MET A 91 -12.68 17.33 -0.77
C MET A 91 -13.32 18.69 -0.55
N ILE A 92 -12.48 19.71 -0.47
CA ILE A 92 -12.95 21.07 -0.26
C ILE A 92 -13.80 21.52 -1.45
N GLU A 93 -13.25 21.40 -2.64
CA GLU A 93 -13.96 21.78 -3.86
C GLU A 93 -15.33 21.10 -4.02
N LEU A 94 -15.45 19.85 -3.56
CA LEU A 94 -16.73 19.13 -3.69
C LEU A 94 -17.72 19.50 -2.61
N GLY A 95 -17.27 20.25 -1.61
CA GLY A 95 -18.07 20.49 -0.44
C GLY A 95 -18.37 19.23 0.37
N GLY A 96 -17.36 18.40 0.58
CA GLY A 96 -17.51 17.25 1.46
C GLY A 96 -17.85 15.91 0.83
N ILE A 97 -17.76 14.86 1.63
CA ILE A 97 -17.86 13.49 1.13
C ILE A 97 -19.03 12.71 1.72
N CYS A 98 -19.66 11.88 0.91
CA CYS A 98 -20.70 10.98 1.40
C CYS A 98 -20.10 9.92 2.33
N PRO A 99 -20.92 9.42 3.26
CA PRO A 99 -20.61 8.21 4.03
C PRO A 99 -20.57 6.99 3.10
N ASP A 100 -19.68 6.04 3.37
CA ASP A 100 -19.51 4.88 2.48
C ASP A 100 -20.68 3.89 2.52
N GLY A 101 -21.58 4.03 3.49
CA GLY A 101 -22.83 3.31 3.44
C GLY A 101 -23.66 3.72 2.23
N ASP A 102 -23.66 5.02 1.92
CA ASP A 102 -24.43 5.55 0.80
C ASP A 102 -23.72 5.38 -0.56
N TYR A 103 -22.41 5.17 -0.51
CA TYR A 103 -21.57 5.24 -1.70
C TYR A 103 -20.42 4.27 -1.51
N PRO A 104 -20.74 2.96 -1.51
CA PRO A 104 -19.80 1.87 -1.24
C PRO A 104 -18.57 1.88 -2.15
N TYR A 105 -17.54 1.15 -1.73
CA TYR A 105 -16.33 1.01 -2.52
C TYR A 105 -16.43 -0.16 -3.50
N VAL A 106 -16.13 0.08 -4.76
CA VAL A 106 -16.20 -0.96 -5.77
C VAL A 106 -14.90 -1.05 -6.57
N SER A 107 -13.82 -0.53 -5.98
CA SER A 107 -12.49 -0.66 -6.55
C SER A 107 -12.37 -0.22 -8.02
N ASP A 108 -11.98 -1.17 -8.87
CA ASP A 108 -11.64 -0.92 -10.27
C ASP A 108 -12.85 -1.00 -11.22
N ALA A 109 -14.00 -1.39 -10.69
CA ALA A 109 -15.19 -1.50 -11.52
C ALA A 109 -15.70 -0.12 -11.97
N PRO A 110 -16.03 0.01 -13.26
CA PRO A 110 -16.58 1.25 -13.80
C PRO A 110 -17.71 1.81 -12.94
N ASN A 111 -17.51 3.04 -12.46
CA ASN A 111 -18.47 3.70 -11.60
C ASN A 111 -18.51 5.20 -11.90
N LEU A 112 -19.70 5.79 -11.95
CA LEU A 112 -19.78 7.22 -12.28
C LEU A 112 -19.81 8.09 -11.03
N CYS A 113 -19.10 9.21 -11.08
CA CYS A 113 -19.20 10.20 -10.03
C CYS A 113 -20.63 10.72 -9.86
N ASN A 114 -21.11 10.68 -8.63
CA ASN A 114 -22.44 11.19 -8.31
C ASN A 114 -22.48 11.73 -6.89
N ILE A 115 -22.25 13.04 -6.74
CA ILE A 115 -22.10 13.64 -5.43
C ILE A 115 -23.43 13.91 -4.70
N ASP A 116 -24.54 13.43 -5.22
CA ASP A 116 -25.80 13.57 -4.50
C ASP A 116 -26.39 12.22 -4.09
N ARG A 117 -25.51 11.28 -3.74
CA ARG A 117 -25.94 9.95 -3.31
C ARG A 117 -26.15 9.91 -1.81
N CYS A 118 -25.97 11.06 -1.18
CA CYS A 118 -26.27 11.25 0.23
C CYS A 118 -26.80 12.67 0.44
N THR A 119 -27.60 12.86 1.48
CA THR A 119 -28.10 14.18 1.80
C THR A 119 -27.10 14.92 2.68
N GLU A 120 -26.67 14.25 3.75
CA GLU A 120 -25.65 14.80 4.65
C GLU A 120 -24.26 14.39 4.20
N LYS A 121 -23.34 15.33 4.22
CA LYS A 121 -21.96 15.10 3.80
C LYS A 121 -21.03 15.63 4.86
N TYR A 122 -19.79 15.14 4.83
CA TYR A 122 -18.78 15.60 5.78
C TYR A 122 -17.58 16.17 5.05
N GLY A 123 -17.21 17.39 5.40
CA GLY A 123 -16.15 18.07 4.71
C GLY A 123 -15.06 18.44 5.69
N ILE A 124 -14.03 19.12 5.16
CA ILE A 124 -12.99 19.67 6.00
C ILE A 124 -12.98 21.16 5.73
N LYS A 125 -12.38 21.94 6.62
CA LYS A 125 -12.31 23.37 6.39
C LYS A 125 -11.04 23.67 5.62
N ASN A 126 -9.93 23.11 6.08
CA ASN A 126 -8.64 23.30 5.46
C ASN A 126 -7.81 22.04 5.66
N TYR A 127 -6.58 22.07 5.18
CA TYR A 127 -5.64 21.02 5.52
C TYR A 127 -4.27 21.63 5.78
N LEU A 128 -3.39 20.85 6.40
CA LEU A 128 -2.12 21.38 6.88
C LEU A 128 -0.93 20.47 6.52
N SER A 129 0.18 21.11 6.16
CA SER A 129 1.40 20.36 5.86
C SER A 129 2.27 20.25 7.09
N VAL A 130 2.69 19.03 7.42
CA VAL A 130 3.47 18.82 8.62
C VAL A 130 4.95 18.67 8.29
N PRO A 131 5.80 19.39 9.03
CA PRO A 131 7.25 19.32 8.87
C PRO A 131 7.75 17.92 9.22
N ASP A 132 8.69 17.40 8.43
CA ASP A 132 9.18 16.05 8.60
C ASP A 132 9.86 15.85 9.95
N ASN A 133 10.06 16.96 10.66
CA ASN A 133 10.74 16.89 11.94
C ASN A 133 9.82 17.21 13.12
N LYS A 134 8.53 17.33 12.85
CA LYS A 134 7.54 17.51 13.91
C LYS A 134 6.44 16.45 13.88
N LEU A 135 6.81 15.21 13.54
CA LEU A 135 5.81 14.13 13.38
C LEU A 135 5.15 13.69 14.68
N LYS A 136 5.94 13.41 15.71
CA LYS A 136 5.37 12.99 16.98
C LYS A 136 4.52 14.10 17.60
N GLU A 137 5.02 15.33 17.52
CA GLU A 137 4.29 16.50 18.03
C GLU A 137 2.97 16.68 17.31
N ALA A 138 3.01 16.67 15.98
CA ALA A 138 1.79 16.77 15.18
C ALA A 138 0.83 15.63 15.56
N LEU A 139 1.38 14.42 15.69
CA LEU A 139 0.62 13.27 16.18
C LEU A 139 -0.01 13.51 17.54
N ARG A 140 0.82 13.93 18.50
CA ARG A 140 0.36 14.11 19.87
C ARG A 140 -0.83 15.07 20.01
N PHE A 141 -0.73 16.24 19.38
CA PHE A 141 -1.71 17.30 19.63
C PHE A 141 -2.68 17.55 18.48
N LEU A 142 -2.32 17.09 17.28
CA LEU A 142 -3.19 17.29 16.13
C LEU A 142 -3.93 16.03 15.68
N GLY A 143 -3.31 14.85 15.85
CA GLY A 143 -3.96 13.61 15.48
C GLY A 143 -3.27 12.89 14.34
N PRO A 144 -3.92 11.83 13.81
CA PRO A 144 -3.29 10.96 12.81
C PRO A 144 -2.95 11.71 11.52
N ILE A 145 -1.81 11.37 10.93
CA ILE A 145 -1.31 12.07 9.75
C ILE A 145 -1.36 11.24 8.48
N SER A 146 -1.97 11.80 7.45
CA SER A 146 -1.94 11.18 6.14
C SER A 146 -0.54 11.39 5.56
N ILE A 147 0.18 10.30 5.30
CA ILE A 147 1.57 10.43 4.84
C ILE A 147 1.92 9.56 3.65
N SER A 148 3.02 9.92 2.98
CA SER A 148 3.59 9.10 1.91
C SER A 148 4.65 8.17 2.47
N VAL A 149 4.94 7.12 1.72
CA VAL A 149 5.94 6.14 2.12
C VAL A 149 6.45 5.36 0.90
N ALA A 150 7.59 4.69 1.09
CA ALA A 150 8.24 3.95 0.01
C ALA A 150 8.24 2.46 0.32
N VAL A 151 7.36 1.72 -0.32
CA VAL A 151 7.20 0.31 0.03
C VAL A 151 7.85 -0.61 -0.98
N SER A 152 8.51 -1.65 -0.49
CA SER A 152 9.07 -2.66 -1.38
C SER A 152 8.14 -3.88 -1.42
N ASP A 153 8.59 -4.96 -2.04
CA ASP A 153 7.82 -6.20 -2.06
C ASP A 153 7.76 -6.86 -0.68
N ASP A 154 8.63 -6.44 0.24
CA ASP A 154 8.70 -7.07 1.56
C ASP A 154 7.50 -6.76 2.45
N PHE A 155 6.94 -5.56 2.29
CA PHE A 155 5.81 -5.14 3.11
C PHE A 155 4.66 -6.13 2.99
N ALA A 156 4.59 -6.82 1.86
CA ALA A 156 3.52 -7.76 1.57
C ALA A 156 3.66 -9.03 2.40
N PHE A 157 4.87 -9.30 2.88
CA PHE A 157 5.13 -10.45 3.76
C PHE A 157 5.21 -10.05 5.23
N TYR A 158 4.85 -8.81 5.54
CA TYR A 158 4.95 -8.35 6.91
C TYR A 158 3.79 -8.89 7.76
N LYS A 159 4.11 -9.44 8.93
CA LYS A 159 3.10 -10.09 9.74
C LYS A 159 3.00 -9.52 11.15
N GLU A 160 4.13 -9.34 11.82
CA GLU A 160 4.11 -8.84 13.20
C GLU A 160 5.42 -8.16 13.62
N GLY A 161 5.32 -7.33 14.66
CA GLY A 161 6.48 -6.70 15.25
C GLY A 161 6.96 -5.48 14.49
N ILE A 162 8.24 -5.17 14.63
CA ILE A 162 8.80 -4.02 13.95
C ILE A 162 9.36 -4.44 12.59
N PHE A 163 8.97 -3.69 11.55
CA PHE A 163 9.30 -4.06 10.19
C PHE A 163 10.81 -4.20 10.01
N ASP A 164 11.23 -5.30 9.41
CA ASP A 164 12.65 -5.53 9.17
C ASP A 164 12.92 -5.97 7.73
N GLY A 165 12.18 -5.38 6.78
CA GLY A 165 12.38 -5.69 5.38
C GLY A 165 13.17 -4.59 4.69
N GLU A 166 13.45 -4.78 3.41
CA GLU A 166 14.06 -3.73 2.62
C GLU A 166 13.06 -2.58 2.47
N CYS A 167 13.56 -1.35 2.36
CA CYS A 167 12.68 -0.23 2.04
C CYS A 167 12.50 -0.10 0.54
N GLY A 168 11.73 0.90 0.12
CA GLY A 168 11.47 1.09 -1.29
C GLY A 168 12.41 2.12 -1.88
N ASP A 169 12.52 2.14 -3.20
CA ASP A 169 13.38 3.10 -3.88
C ASP A 169 12.80 4.51 -3.86
N GLN A 170 11.53 4.64 -4.21
CA GLN A 170 10.87 5.93 -4.28
C GLN A 170 9.51 5.93 -3.61
N LEU A 171 9.05 7.08 -3.17
CA LEU A 171 7.77 7.19 -2.53
C LEU A 171 6.74 6.61 -3.44
N ASN A 172 5.88 5.75 -2.95
CA ASN A 172 4.89 5.18 -3.84
C ASN A 172 3.62 4.71 -3.23
N HIS A 173 3.32 5.11 -2.02
CA HIS A 173 2.14 4.57 -1.41
C HIS A 173 1.73 5.57 -0.36
N ALA A 174 0.45 5.51 0.01
CA ALA A 174 -0.07 6.38 1.07
C ALA A 174 -0.59 5.54 2.23
N VAL A 175 -0.39 6.05 3.44
CA VAL A 175 -0.85 5.39 4.66
C VAL A 175 -1.14 6.43 5.74
N MET A 176 -1.57 5.96 6.91
CA MET A 176 -1.83 6.86 8.03
C MET A 176 -0.89 6.56 9.18
N LEU A 177 -0.31 7.62 9.72
CA LEU A 177 0.46 7.56 10.94
C LEU A 177 -0.54 7.80 12.06
N VAL A 178 -0.59 6.87 13.02
CA VAL A 178 -1.64 6.91 14.04
C VAL A 178 -1.08 6.89 15.45
N GLY A 179 0.24 6.87 15.56
CA GLY A 179 0.90 7.02 16.85
C GLY A 179 2.35 6.56 16.84
N PHE A 180 2.92 6.38 18.03
CA PHE A 180 4.27 5.85 18.18
C PHE A 180 4.32 5.04 19.46
N GLY A 181 5.25 4.10 19.52
CA GLY A 181 5.36 3.31 20.72
C GLY A 181 6.79 2.88 20.95
N MET A 182 7.00 2.27 22.11
CA MET A 182 8.29 1.69 22.44
C MET A 182 8.09 0.36 23.16
N LYS A 183 8.81 -0.65 22.70
CA LYS A 183 8.87 -1.91 23.44
C LYS A 183 10.30 -2.20 23.87
N GLU A 184 10.45 -2.80 25.05
CA GLU A 184 11.78 -3.21 25.52
C GLU A 184 12.08 -4.65 25.10
N ILE A 185 13.17 -4.81 24.36
CA ILE A 185 13.61 -6.13 23.91
C ILE A 185 14.80 -6.59 24.75
N VAL A 186 14.66 -7.73 25.41
CA VAL A 186 15.72 -8.24 26.27
C VAL A 186 16.97 -8.61 25.47
N ASN A 187 18.11 -8.12 25.95
CA ASN A 187 19.39 -8.38 25.33
C ASN A 187 19.94 -9.75 25.74
N PRO A 188 20.11 -10.65 24.76
CA PRO A 188 20.62 -12.00 25.05
C PRO A 188 21.83 -11.95 25.98
N LEU A 189 22.87 -11.24 25.56
CA LEU A 189 24.11 -11.10 26.32
C LEU A 189 23.91 -10.49 27.70
N THR A 190 23.08 -9.45 27.77
CA THR A 190 22.92 -8.70 29.00
C THR A 190 21.81 -9.24 29.90
N LYS A 191 20.75 -9.74 29.27
CA LYS A 191 19.55 -10.14 29.99
C LYS A 191 18.87 -8.90 30.60
N LYS A 192 19.26 -7.73 30.10
CA LYS A 192 18.60 -6.48 30.42
C LYS A 192 17.64 -6.11 29.27
N GLY A 193 16.51 -5.51 29.60
CA GLY A 193 15.62 -4.99 28.58
C GLY A 193 16.23 -3.77 27.89
N GLU A 194 15.92 -3.57 26.62
CA GLU A 194 16.43 -2.42 25.89
C GLU A 194 15.34 -1.73 25.06
N LYS A 195 15.21 -0.42 25.27
CA LYS A 195 14.15 0.37 24.64
C LYS A 195 14.26 0.46 23.12
N HIS A 196 13.17 0.14 22.44
CA HIS A 196 13.07 0.30 20.99
C HIS A 196 11.84 1.12 20.59
N TYR A 197 12.04 2.07 19.69
CA TYR A 197 10.98 2.98 19.29
C TYR A 197 10.45 2.68 17.88
N TYR A 198 9.17 2.98 17.68
CA TYR A 198 8.57 2.73 16.39
C TYR A 198 7.40 3.64 16.13
N TYR A 199 7.14 3.89 14.87
CA TYR A 199 5.90 4.54 14.49
C TYR A 199 4.82 3.49 14.27
N ILE A 200 3.60 3.82 14.65
CA ILE A 200 2.45 2.96 14.35
C ILE A 200 1.68 3.47 13.14
N ILE A 201 1.52 2.61 12.15
CA ILE A 201 0.93 3.01 10.87
C ILE A 201 -0.29 2.21 10.45
N LYS A 202 -1.29 2.91 9.91
CA LYS A 202 -2.51 2.28 9.40
C LYS A 202 -2.46 2.09 7.90
N ASN A 203 -2.48 0.83 7.46
CA ASN A 203 -2.47 0.55 6.04
C ASN A 203 -3.90 0.29 5.49
N SER A 204 -4.03 0.08 4.19
CA SER A 204 -5.34 -0.27 3.63
C SER A 204 -5.29 -1.54 2.83
N TRP A 205 -4.66 -2.57 3.38
CA TRP A 205 -4.72 -3.89 2.77
C TRP A 205 -5.61 -4.84 3.56
N GLY A 206 -6.66 -4.29 4.16
CA GLY A 206 -7.56 -5.07 4.98
C GLY A 206 -6.87 -5.59 6.22
N GLN A 207 -7.59 -6.42 6.97
CA GLN A 207 -7.12 -6.79 8.31
C GLN A 207 -6.43 -8.15 8.41
N GLN A 208 -6.21 -8.82 7.29
CA GLN A 208 -5.47 -10.07 7.31
C GLN A 208 -3.97 -9.80 7.16
N TRP A 209 -3.63 -8.54 6.92
CA TRP A 209 -2.25 -8.16 6.70
C TRP A 209 -1.69 -7.53 7.95
N GLY A 210 -0.42 -7.84 8.25
CA GLY A 210 0.29 -7.19 9.33
C GLY A 210 -0.42 -7.45 10.64
N GLU A 211 -0.29 -6.53 11.60
CA GLU A 211 -0.98 -6.68 12.87
C GLU A 211 -2.40 -6.18 12.69
N ARG A 212 -3.22 -7.06 12.14
CA ARG A 212 -4.64 -6.79 11.93
C ARG A 212 -4.81 -5.47 11.19
N GLY A 213 -3.91 -5.23 10.24
CA GLY A 213 -4.02 -4.08 9.36
C GLY A 213 -2.99 -3.00 9.59
N PHE A 214 -2.27 -3.09 10.70
CA PHE A 214 -1.31 -2.06 11.09
C PHE A 214 0.11 -2.58 10.99
N ILE A 215 1.06 -1.66 10.81
CA ILE A 215 2.50 -2.00 10.85
C ILE A 215 3.31 -1.06 11.77
N ASN A 216 4.32 -1.63 12.44
CA ASN A 216 5.22 -0.85 13.29
C ASN A 216 6.56 -0.67 12.60
N ILE A 217 6.97 0.58 12.44
CA ILE A 217 8.19 0.89 11.70
C ILE A 217 9.20 1.62 12.55
N GLU A 218 10.45 1.16 12.50
CA GLU A 218 11.50 1.73 13.34
C GLU A 218 11.62 3.26 13.27
N THR A 219 11.67 3.91 14.43
CA THR A 219 12.05 5.31 14.50
C THR A 219 12.98 5.51 15.70
N ASP A 220 13.04 6.72 16.23
CA ASP A 220 13.86 6.97 17.40
C ASP A 220 13.07 7.84 18.37
N GLU A 221 13.61 8.06 19.56
CA GLU A 221 12.86 8.76 20.60
C GLU A 221 12.34 10.12 20.14
N SER A 222 13.04 10.75 19.21
CA SER A 222 12.63 12.08 18.76
C SER A 222 11.62 12.00 17.62
N GLY A 223 11.68 10.90 16.86
CA GLY A 223 10.82 10.73 15.70
C GLY A 223 11.39 11.45 14.49
N LEU A 224 12.70 11.59 14.46
CA LEU A 224 13.36 12.21 13.33
C LEU A 224 13.78 11.11 12.38
N MET A 225 14.05 9.94 12.95
CA MET A 225 14.35 8.75 12.15
C MET A 225 13.09 8.38 11.38
N ARG A 226 13.16 8.53 10.06
CA ARG A 226 12.01 8.31 9.19
C ARG A 226 12.32 7.28 8.11
N LYS A 227 12.12 6.02 8.45
CA LYS A 227 12.38 4.92 7.53
C LYS A 227 11.44 4.94 6.32
N CYS A 228 11.96 4.48 5.19
CA CYS A 228 11.15 4.30 3.98
C CYS A 228 10.62 5.64 3.48
N GLY A 229 11.36 6.70 3.82
CA GLY A 229 11.01 8.05 3.41
C GLY A 229 9.66 8.44 3.95
N LEU A 230 9.21 7.75 5.00
CA LEU A 230 7.87 7.98 5.53
C LEU A 230 7.73 9.42 6.06
N GLY A 231 6.62 10.07 5.73
CA GLY A 231 6.37 11.42 6.17
C GLY A 231 6.94 12.50 5.26
N THR A 232 7.50 12.09 4.13
CA THR A 232 8.07 13.06 3.19
C THR A 232 6.94 13.97 2.76
N ASP A 233 5.78 13.37 2.52
CA ASP A 233 4.55 14.09 2.32
C ASP A 233 3.74 13.86 3.58
N ALA A 234 3.18 14.91 4.16
CA ALA A 234 2.47 14.75 5.42
C ALA A 234 1.41 15.81 5.63
N PHE A 235 0.15 15.39 5.73
CA PHE A 235 -0.95 16.32 5.87
C PHE A 235 -1.99 15.89 6.92
N ILE A 236 -2.59 16.88 7.58
CA ILE A 236 -3.70 16.66 8.50
C ILE A 236 -4.88 17.51 8.05
N PRO A 237 -6.06 16.89 7.88
CA PRO A 237 -7.26 17.67 7.55
C PRO A 237 -7.76 18.41 8.79
N LEU A 238 -8.25 19.63 8.63
CA LEU A 238 -8.88 20.33 9.75
C LEU A 238 -10.36 20.45 9.47
N ILE A 239 -11.19 20.05 10.42
CA ILE A 239 -12.64 20.12 10.23
C ILE A 239 -13.24 21.22 11.11
N GLU A 240 -12.41 21.72 12.03
CA GLU A 240 -12.80 22.85 12.86
C GLU A 240 -11.73 23.95 12.77
N GLY B 28 16.81 -8.75 -25.96
CA GLY B 28 16.22 -9.70 -26.88
C GLY B 28 14.75 -9.47 -27.12
N LYS B 29 14.08 -10.47 -27.69
CA LYS B 29 12.63 -10.42 -27.99
C LYS B 29 11.80 -10.41 -26.69
N SER B 30 10.71 -9.64 -26.67
CA SER B 30 10.00 -9.36 -25.42
C SER B 30 8.47 -9.45 -25.43
N LEU B 31 7.88 -9.42 -24.24
CA LEU B 31 6.43 -9.59 -24.06
C LEU B 31 5.92 -8.94 -22.77
N LYS B 32 5.01 -7.98 -22.89
CA LYS B 32 4.50 -7.24 -21.72
C LYS B 32 3.05 -7.57 -21.33
N LEU B 33 2.88 -8.06 -20.10
CA LEU B 33 1.56 -8.41 -19.57
C LEU B 33 1.30 -7.67 -18.26
N GLY B 34 0.04 -7.44 -17.90
CA GLY B 34 -1.11 -7.84 -18.67
C GLY B 34 -2.34 -7.36 -17.90
N ASN B 35 -3.35 -6.88 -18.62
CA ASN B 35 -4.54 -6.28 -18.00
C ASN B 35 -4.98 -6.94 -16.70
N ILE B 36 -4.84 -6.21 -15.59
CA ILE B 36 -5.18 -6.74 -14.28
C ILE B 36 -6.65 -6.53 -13.92
N SER B 37 -7.28 -7.57 -13.41
CA SER B 37 -8.69 -7.54 -13.04
C SER B 37 -8.86 -7.74 -11.53
N ASN B 38 -10.06 -7.49 -11.01
CA ASN B 38 -10.32 -7.72 -9.59
C ASN B 38 -10.83 -9.12 -9.28
N GLN B 39 -11.28 -9.84 -10.31
CA GLN B 39 -11.65 -11.23 -10.13
C GLN B 39 -10.46 -12.13 -10.46
N THR B 40 -10.35 -13.21 -9.70
CA THR B 40 -9.34 -14.22 -9.95
C THR B 40 -9.45 -14.77 -11.36
N ASN B 41 -8.34 -14.79 -12.09
CA ASN B 41 -8.36 -15.24 -13.48
C ASN B 41 -7.06 -15.83 -13.99
N GLN B 42 -7.14 -16.40 -15.19
CA GLN B 42 -6.04 -17.09 -15.83
C GLN B 42 -5.87 -16.52 -17.24
N GLU B 43 -4.67 -16.61 -17.79
CA GLU B 43 -4.43 -16.15 -19.15
C GLU B 43 -3.21 -16.86 -19.73
N THR B 44 -3.46 -17.84 -20.59
CA THR B 44 -2.35 -18.48 -21.29
C THR B 44 -1.97 -17.69 -22.53
N ILE B 45 -0.70 -17.72 -22.88
CA ILE B 45 -0.21 -16.98 -24.02
C ILE B 45 1.03 -17.66 -24.60
N THR B 46 0.90 -18.11 -25.83
CA THR B 46 1.94 -18.89 -26.50
C THR B 46 3.06 -18.02 -27.09
N GLN B 47 4.28 -18.55 -27.05
CA GLN B 47 5.43 -17.85 -27.60
C GLN B 47 6.43 -18.82 -28.22
N SER B 48 6.73 -18.61 -29.50
CA SER B 48 7.71 -19.42 -30.22
C SER B 48 9.10 -18.82 -30.07
N LEU B 49 10.09 -19.67 -29.82
CA LEU B 49 11.45 -19.19 -29.59
C LEU B 49 12.55 -20.09 -30.15
N SER B 50 13.53 -19.46 -30.81
CA SER B 50 14.72 -20.14 -31.25
C SER B 50 15.61 -20.36 -30.04
N VAL B 51 16.22 -21.54 -29.94
CA VAL B 51 17.11 -21.84 -28.82
C VAL B 51 18.13 -20.71 -28.62
N GLY B 52 18.57 -20.52 -27.38
CA GLY B 52 19.54 -19.48 -27.07
C GLY B 52 18.95 -18.07 -27.03
N GLU B 53 17.90 -17.86 -27.82
CA GLU B 53 17.22 -16.56 -27.88
C GLU B 53 16.65 -16.18 -26.51
N ILE B 54 16.83 -14.92 -26.12
CA ILE B 54 16.39 -14.45 -24.80
C ILE B 54 15.06 -13.69 -24.85
N LEU B 55 14.14 -14.08 -23.98
CA LEU B 55 12.78 -13.54 -23.96
C LEU B 55 12.52 -12.68 -22.71
N CYS B 56 12.09 -11.44 -22.95
CA CYS B 56 11.83 -10.49 -21.87
C CYS B 56 10.34 -10.44 -21.53
N ILE B 57 10.00 -10.83 -20.31
CA ILE B 57 8.63 -10.69 -19.83
C ILE B 57 8.49 -9.42 -18.97
N ASP B 58 7.69 -8.49 -19.46
CA ASP B 58 7.44 -7.23 -18.75
C ASP B 58 6.10 -7.32 -18.01
N LEU B 59 6.19 -7.35 -16.68
CA LEU B 59 5.02 -7.54 -15.82
C LEU B 59 4.52 -6.24 -15.22
N GLU B 60 3.25 -5.94 -15.46
CA GLU B 60 2.67 -4.67 -15.05
C GLU B 60 1.75 -4.82 -13.84
N GLY B 61 1.76 -3.81 -12.98
CA GLY B 61 0.90 -3.80 -11.81
C GLY B 61 0.72 -2.41 -11.21
N ASN B 62 0.18 -2.38 -10.00
CA ASN B 62 0.01 -1.13 -9.29
C ASN B 62 0.78 -1.14 -7.98
N ALA B 63 1.56 -0.09 -7.77
CA ALA B 63 2.32 0.06 -6.54
C ALA B 63 1.40 0.24 -5.33
N GLY B 64 1.79 -0.36 -4.21
CA GLY B 64 1.10 -0.18 -2.94
C GLY B 64 -0.23 -0.89 -2.75
N THR B 65 -0.57 -1.85 -3.62
CA THR B 65 -1.79 -2.64 -3.41
C THR B 65 -1.58 -3.88 -2.52
N GLY B 66 -0.35 -4.31 -2.36
CA GLY B 66 -0.07 -5.51 -1.59
C GLY B 66 0.05 -6.77 -2.46
N TYR B 67 -0.23 -6.61 -3.74
CA TYR B 67 0.02 -7.65 -4.72
C TYR B 67 1.46 -7.59 -5.23
N LEU B 68 2.09 -8.76 -5.38
CA LEU B 68 3.35 -8.86 -6.12
C LEU B 68 3.36 -9.98 -7.16
N TRP B 69 4.21 -9.83 -8.17
CA TRP B 69 4.40 -10.87 -9.19
C TRP B 69 5.39 -11.91 -8.71
N VAL B 70 4.98 -13.17 -8.74
CA VAL B 70 5.84 -14.29 -8.36
C VAL B 70 5.94 -15.33 -9.47
N LEU B 71 7.16 -15.75 -9.81
CA LEU B 71 7.34 -16.88 -10.73
C LEU B 71 7.05 -18.16 -9.96
N LEU B 72 6.01 -18.87 -10.38
CA LEU B 72 5.50 -19.99 -9.59
C LEU B 72 5.94 -21.36 -10.07
N GLY B 73 6.30 -21.48 -11.34
CA GLY B 73 6.71 -22.78 -11.84
C GLY B 73 6.96 -22.92 -13.33
N ILE B 74 7.78 -23.92 -13.67
CA ILE B 74 7.98 -24.37 -15.04
C ILE B 74 7.47 -25.82 -15.11
N HIS B 75 6.57 -26.11 -16.05
CA HIS B 75 6.02 -27.46 -16.18
C HIS B 75 6.09 -28.00 -17.61
N LYS B 76 6.17 -29.31 -17.74
CA LYS B 76 5.95 -29.95 -19.03
C LYS B 76 4.46 -30.21 -19.16
N ASP B 77 3.85 -30.61 -18.06
CA ASP B 77 2.39 -30.78 -17.98
C ASP B 77 1.68 -29.44 -18.00
N GLU B 78 0.56 -29.37 -18.71
CA GLU B 78 -0.32 -28.22 -18.62
C GLU B 78 -0.73 -28.08 -17.16
N PRO B 79 -0.41 -26.93 -16.54
CA PRO B 79 -0.57 -26.75 -15.09
C PRO B 79 -2.01 -26.45 -14.68
N ILE B 80 -2.44 -27.06 -13.58
CA ILE B 80 -3.75 -26.76 -13.01
C ILE B 80 -3.54 -25.70 -11.93
N ILE B 81 -4.18 -24.55 -12.10
CA ILE B 81 -3.92 -23.39 -11.23
C ILE B 81 -4.81 -23.36 -9.99
N ASN B 82 -4.20 -23.50 -8.82
CA ASN B 82 -4.93 -23.33 -7.56
C ASN B 82 -4.26 -22.33 -6.61
N PRO B 83 -4.80 -21.10 -6.55
CA PRO B 83 -4.28 -20.02 -5.69
C PRO B 83 -4.34 -20.37 -4.22
N GLU B 84 -5.31 -21.21 -3.84
CA GLU B 84 -5.36 -21.77 -2.51
C GLU B 84 -3.96 -22.28 -2.10
N ASN B 85 -3.20 -22.75 -3.09
CA ASN B 85 -1.93 -23.43 -2.81
C ASN B 85 -0.68 -22.61 -3.09
N PHE B 86 -0.85 -21.33 -3.41
CA PHE B 86 0.29 -20.45 -3.60
C PHE B 86 1.03 -20.24 -2.27
N PRO B 87 2.33 -19.94 -2.37
CA PRO B 87 3.20 -19.65 -1.22
C PRO B 87 2.74 -18.42 -0.43
N THR B 88 2.62 -18.56 0.88
CA THR B 88 2.30 -17.43 1.75
C THR B 88 3.56 -16.65 2.08
N LYS B 89 4.70 -17.21 1.69
CA LYS B 89 6.00 -16.63 2.03
C LYS B 89 6.82 -16.28 0.79
N LEU B 90 7.96 -15.65 1.02
CA LEU B 90 8.83 -15.19 -0.06
C LEU B 90 9.38 -16.35 -0.90
N THR B 91 9.28 -16.22 -2.22
CA THR B 91 9.81 -17.22 -3.13
C THR B 91 11.06 -16.69 -3.82
N LYS B 92 12.22 -17.06 -3.30
CA LYS B 92 13.49 -16.47 -3.77
C LYS B 92 14.12 -17.15 -4.99
N LYS B 93 14.12 -18.48 -5.00
CA LYS B 93 14.78 -19.24 -6.07
C LYS B 93 14.27 -18.89 -7.48
N SER B 94 15.22 -18.60 -8.38
CA SER B 94 14.94 -18.53 -9.81
C SER B 94 15.03 -19.93 -10.42
N PHE B 95 14.61 -20.07 -11.67
CA PHE B 95 14.61 -21.40 -12.29
C PHE B 95 15.77 -21.64 -13.25
N PHE B 96 16.63 -22.59 -12.90
CA PHE B 96 17.78 -22.93 -13.74
C PHE B 96 17.89 -24.44 -13.95
N SER B 97 17.65 -24.88 -15.19
CA SER B 97 17.81 -26.29 -15.54
C SER B 97 18.63 -26.44 -16.81
N GLU B 98 18.90 -27.69 -17.20
CA GLU B 98 19.64 -27.97 -18.42
C GLU B 98 18.85 -27.49 -19.64
N GLU B 99 17.53 -27.60 -19.56
CA GLU B 99 16.66 -27.28 -20.69
C GLU B 99 16.31 -25.81 -20.78
N ILE B 100 16.02 -25.19 -19.63
CA ILE B 100 15.53 -23.82 -19.62
C ILE B 100 15.92 -23.08 -18.34
N SER B 101 15.96 -21.76 -18.41
CA SER B 101 16.20 -20.94 -17.23
C SER B 101 15.29 -19.70 -17.20
N VAL B 102 14.60 -19.52 -16.06
CA VAL B 102 13.73 -18.37 -15.88
C VAL B 102 13.89 -17.73 -14.49
N THR B 103 13.92 -16.41 -14.47
CA THR B 103 14.21 -15.67 -13.23
C THR B 103 12.96 -15.15 -12.54
N GLN B 104 13.02 -15.04 -11.21
CA GLN B 104 11.95 -14.41 -10.45
C GLN B 104 11.83 -12.95 -10.86
N PRO B 105 10.59 -12.44 -10.97
CA PRO B 105 10.46 -11.04 -11.38
C PRO B 105 11.18 -10.11 -10.40
N LYS B 106 11.83 -9.08 -10.94
CA LYS B 106 12.51 -8.08 -10.11
C LYS B 106 12.21 -6.66 -10.62
N LYS B 107 12.55 -5.68 -9.80
CA LYS B 107 12.18 -4.29 -10.04
C LYS B 107 12.51 -3.77 -11.43
N TYR B 108 11.53 -3.14 -12.07
CA TYR B 108 11.75 -2.35 -13.28
C TYR B 108 12.61 -3.06 -14.31
N MET B 140 6.42 16.09 -5.58
CA MET B 140 5.54 15.04 -5.05
C MET B 140 5.39 13.87 -6.02
N GLN B 141 5.88 12.71 -5.61
CA GLN B 141 5.75 11.48 -6.40
C GLN B 141 4.31 11.01 -6.48
N LEU B 142 3.96 10.30 -7.57
CA LEU B 142 2.65 9.68 -7.69
C LEU B 142 2.52 8.40 -6.84
N LEU B 143 1.61 8.45 -5.89
CA LEU B 143 1.40 7.30 -5.01
C LEU B 143 0.40 6.35 -5.64
N GLY B 144 0.81 5.09 -5.79
CA GLY B 144 -0.05 4.04 -6.28
C GLY B 144 -0.11 3.96 -7.79
N GLY B 145 0.95 4.45 -8.43
CA GLY B 145 1.05 4.43 -9.89
C GLY B 145 1.57 3.09 -10.42
N PRO B 146 1.50 2.91 -11.74
CA PRO B 146 2.02 1.75 -12.47
C PRO B 146 3.36 1.27 -11.95
N ASP B 147 3.44 -0.04 -11.71
CA ASP B 147 4.59 -0.69 -11.09
C ASP B 147 5.16 -1.75 -12.07
N ARG B 148 6.36 -1.48 -12.59
CA ARG B 148 6.99 -2.38 -13.58
C ARG B 148 7.91 -3.42 -12.94
N MET B 149 7.74 -4.69 -13.33
CA MET B 149 8.66 -5.74 -12.92
C MET B 149 9.02 -6.65 -14.09
N ARG B 150 10.24 -7.18 -14.10
CA ARG B 150 10.75 -7.92 -15.27
C ARG B 150 11.24 -9.34 -14.98
N SER B 151 10.79 -10.29 -15.80
CA SER B 151 11.33 -11.66 -15.76
C SER B 151 12.07 -12.04 -17.05
N VAL B 152 13.05 -12.94 -16.91
CA VAL B 152 13.92 -13.32 -18.01
C VAL B 152 13.79 -14.80 -18.39
N ILE B 153 13.49 -15.05 -19.66
CA ILE B 153 13.36 -16.43 -20.15
C ILE B 153 14.41 -16.79 -21.20
N LYS B 154 15.12 -17.90 -20.97
CA LYS B 154 16.16 -18.35 -21.89
C LYS B 154 16.11 -19.87 -22.13
N GLY B 155 15.95 -20.24 -23.39
CA GLY B 155 15.92 -21.65 -23.78
C GLY B 155 17.31 -22.23 -23.98
N HIS B 156 17.46 -23.50 -23.66
CA HIS B 156 18.73 -24.19 -23.81
C HIS B 156 18.58 -25.47 -24.62
N LYS B 157 17.33 -25.85 -24.87
CA LYS B 157 17.02 -27.12 -25.50
C LYS B 157 15.62 -27.09 -26.08
N PRO B 158 15.45 -27.64 -27.27
CA PRO B 158 14.11 -27.71 -27.87
C PRO B 158 13.10 -28.34 -26.92
N GLY B 159 11.85 -27.88 -26.99
CA GLY B 159 10.80 -28.43 -26.15
C GLY B 159 9.60 -27.52 -25.98
N LYS B 160 8.64 -27.97 -25.17
CA LYS B 160 7.47 -27.17 -24.82
C LYS B 160 7.48 -26.93 -23.30
N TYR B 161 7.31 -25.67 -22.90
CA TYR B 161 7.41 -25.32 -21.49
C TYR B 161 6.26 -24.43 -21.03
N TYR B 162 5.65 -24.81 -19.91
CA TYR B 162 4.63 -23.99 -19.25
C TYR B 162 5.27 -23.19 -18.13
N ILE B 163 5.42 -21.89 -18.36
CA ILE B 163 5.96 -20.98 -17.36
C ILE B 163 4.83 -20.23 -16.67
N VAL B 164 4.78 -20.31 -15.33
CA VAL B 164 3.65 -19.73 -14.60
C VAL B 164 4.00 -18.53 -13.73
N TYR B 165 3.33 -17.42 -13.98
CA TYR B 165 3.48 -16.22 -13.17
C TYR B 165 2.15 -15.90 -12.53
N SER B 166 2.18 -15.29 -11.36
CA SER B 166 0.94 -14.78 -10.80
C SER B 166 1.15 -13.53 -9.99
N TYR B 167 0.16 -12.64 -10.08
CA TYR B 167 0.06 -11.41 -9.32
C TYR B 167 -0.97 -11.70 -8.26
N TYR B 168 -0.52 -11.85 -7.02
CA TYR B 168 -1.43 -12.20 -5.93
C TYR B 168 -0.96 -11.60 -4.61
N ARG B 169 -1.82 -11.69 -3.58
CA ARG B 169 -1.43 -11.30 -2.23
C ARG B 169 -1.10 -12.55 -1.40
N PRO B 170 0.12 -12.59 -0.86
CA PRO B 170 0.60 -13.71 -0.04
C PRO B 170 -0.27 -13.94 1.19
N PHE B 171 -0.85 -12.86 1.69
CA PHE B 171 -1.65 -12.91 2.90
C PHE B 171 -3.12 -13.16 2.59
N SER B 172 -3.44 -13.24 1.29
CA SER B 172 -4.80 -13.56 0.85
C SER B 172 -4.84 -13.95 -0.63
N PRO B 173 -4.24 -15.12 -0.95
CA PRO B 173 -3.97 -15.63 -2.30
C PRO B 173 -5.22 -15.83 -3.17
N THR B 174 -6.37 -16.05 -2.55
CA THR B 174 -7.59 -16.27 -3.33
C THR B 174 -8.22 -14.95 -3.77
N SER B 175 -7.84 -13.87 -3.10
CA SER B 175 -8.40 -12.56 -3.39
C SER B 175 -7.83 -11.97 -4.67
N GLY B 176 -8.44 -12.31 -5.80
CA GLY B 176 -8.16 -11.63 -7.06
C GLY B 176 -6.81 -11.90 -7.67
N ALA B 177 -6.38 -13.16 -7.61
CA ALA B 177 -5.11 -13.57 -8.23
C ALA B 177 -5.20 -13.61 -9.75
N ASN B 178 -4.32 -12.85 -10.41
CA ASN B 178 -4.21 -12.85 -11.86
C ASN B 178 -3.02 -13.71 -12.30
N THR B 179 -3.31 -14.84 -12.93
CA THR B 179 -2.27 -15.80 -13.27
C THR B 179 -1.95 -15.76 -14.76
N LYS B 180 -0.65 -15.73 -15.09
CA LYS B 180 -0.20 -15.75 -16.47
C LYS B 180 0.63 -17.00 -16.77
N ILE B 181 0.08 -17.88 -17.60
CA ILE B 181 0.83 -19.01 -18.14
C ILE B 181 1.42 -18.66 -19.50
N ILE B 182 2.73 -18.74 -19.62
CA ILE B 182 3.38 -18.60 -20.90
C ILE B 182 3.67 -19.99 -21.46
N TYR B 183 3.12 -20.27 -22.63
CA TYR B 183 3.40 -21.53 -23.31
C TYR B 183 4.50 -21.33 -24.35
N VAL B 184 5.73 -21.63 -23.95
CA VAL B 184 6.90 -21.37 -24.77
C VAL B 184 7.39 -22.63 -25.49
N THR B 185 7.68 -22.49 -26.78
CA THR B 185 8.25 -23.58 -27.57
C THR B 185 9.69 -23.26 -27.95
N VAL B 186 10.63 -24.05 -27.45
CA VAL B 186 12.03 -23.91 -27.83
C VAL B 186 12.34 -24.77 -29.05
N GLN B 187 12.69 -24.11 -30.15
CA GLN B 187 12.99 -24.81 -31.40
C GLN B 187 14.35 -24.40 -31.93
C1 GOL C . 9.03 -8.20 10.48
O1 GOL C . 9.16 -7.74 9.15
C2 GOL C . 9.03 -9.72 10.45
O2 GOL C . 10.31 -10.20 10.11
C3 GOL C . 7.98 -10.21 9.45
O3 GOL C . 6.67 -10.19 10.01
C1 GOL D . 4.57 -6.12 18.40
O1 GOL D . 3.28 -6.58 18.06
C2 GOL D . 4.61 -4.61 18.27
O2 GOL D . 5.54 -4.05 19.19
C3 GOL D . 3.22 -4.02 18.49
O3 GOL D . 2.59 -4.59 19.61
C1 GOL E . -6.32 0.44 -15.34
O1 GOL E . -7.41 1.11 -15.94
C2 GOL E . -6.80 -0.31 -14.11
O2 GOL E . -8.16 -0.61 -14.27
C3 GOL E . -6.64 0.56 -12.88
O3 GOL E . -7.64 1.56 -12.93
CD CD F . 3.80 -29.92 -13.17
CD CD G . 7.13 -5.32 -7.18
#